data_1ZKY
#
_entry.id   1ZKY
#
_cell.length_a   55.929
_cell.length_b   84.129
_cell.length_c   58.220
_cell.angle_alpha   90.00
_cell.angle_beta   109.06
_cell.angle_gamma   90.00
#
_symmetry.space_group_name_H-M   'P 1 21 1'
#
loop_
_entity.id
_entity.type
_entity.pdbx_description
1 polymer 'Estrogen receptor'
2 polymer 'Nuclear receptor coactivator 2'
3 non-polymer 4-[(1S,2S,5S)-5-(HYDROXYMETHYL)-6,8,9-TRIMETHYL-3-OXABICYCLO[3.3.1]NON-7-EN-2-YL]PHENOL
4 water water
#
loop_
_entity_poly.entity_id
_entity_poly.type
_entity_poly.pdbx_seq_one_letter_code
_entity_poly.pdbx_strand_id
1 'polypeptide(L)'
;IKRSKKNSLALSLTADQMVSALLDAEPPILYSEYDPTRPFSEASMMGLLTNLADRELVHMINWAKRVPGFVDLTLHDQVH
LLE(CME)AWLEILMIGLVWRSMEHPGKLLFAPNLLLDRNQGK(CME)VEGMVEIFDMLLATSSRFRMMNLQGEEFVCLK
SIILLNSGVYTFLSSTLKSLEEKDHIHRVLDKITDTLIHLMAKAGLTLQQQHQRLAQLLLILSHIRHMSNKGMEHLYSMK
(CME)KNVVPLSDLLLEMLDAHRLHAPTS
;
A,B
2 'polypeptide(L)' KHKILHRLLQDSS C,D
#
loop_
_chem_comp.id
_chem_comp.type
_chem_comp.name
_chem_comp.formula
689 non-polymer 4-[(1S,2S,5S)-5-(HYDROXYMETHYL)-6,8,9-TRIMETHYL-3-OXABICYCLO[3.3.1]NON-7-EN-2-YL]PHENOL 'C18 H24 O3'
#
# COMPACT_ATOMS: atom_id res chain seq x y z
N ASN A 7 11.56 29.03 -2.77
CA ASN A 7 11.87 28.75 -4.15
C ASN A 7 12.26 27.29 -4.34
N SER A 8 12.57 26.94 -5.58
CA SER A 8 12.98 25.54 -5.93
C SER A 8 13.28 25.37 -7.42
N LEU A 9 12.48 24.54 -8.09
CA LEU A 9 12.66 24.25 -9.51
C LEU A 9 11.50 23.41 -10.06
N ALA A 10 11.18 22.34 -9.34
CA ALA A 10 10.06 21.47 -9.70
C ALA A 10 8.72 22.19 -9.50
N LEU A 11 8.67 23.06 -8.49
CA LEU A 11 7.45 23.78 -8.15
C LEU A 11 7.09 24.84 -9.18
N SER A 12 8.02 25.14 -10.08
CA SER A 12 7.74 26.08 -11.16
C SER A 12 7.59 25.38 -12.53
N LEU A 13 7.44 24.06 -12.52
CA LEU A 13 7.22 23.33 -13.76
C LEU A 13 5.74 23.33 -14.13
N THR A 14 5.45 23.48 -15.42
CA THR A 14 4.10 23.28 -15.89
C THR A 14 3.85 21.78 -15.96
N ALA A 15 2.60 21.41 -16.19
CA ALA A 15 2.24 20.01 -16.28
C ALA A 15 2.95 19.35 -17.47
N ASP A 16 2.95 20.02 -18.62
CA ASP A 16 3.61 19.49 -19.81
C ASP A 16 5.09 19.27 -19.57
N GLN A 17 5.70 20.19 -18.82
CA GLN A 17 7.12 20.10 -18.50
C GLN A 17 7.41 18.98 -17.50
N MET A 18 6.48 18.75 -16.55
CA MET A 18 6.61 17.64 -15.63
C MET A 18 6.62 16.31 -16.38
N VAL A 19 5.61 16.10 -17.24
CA VAL A 19 5.52 14.92 -18.09
C VAL A 19 6.76 14.75 -18.95
N SER A 20 7.13 15.82 -19.66
CA SER A 20 8.33 15.80 -20.48
C SER A 20 9.57 15.41 -19.68
N ALA A 21 9.73 15.99 -18.49
CA ALA A 21 10.86 15.67 -17.62
C ALA A 21 10.88 14.19 -17.24
N LEU A 22 9.72 13.67 -16.81
CA LEU A 22 9.59 12.27 -16.39
C LEU A 22 9.85 11.27 -17.51
N LEU A 23 9.26 11.54 -18.67
CA LEU A 23 9.49 10.72 -19.87
C LEU A 23 10.98 10.67 -20.25
N ASP A 24 11.66 11.79 -20.08
CA ASP A 24 13.08 11.90 -20.41
C ASP A 24 14.00 11.20 -19.42
N ALA A 25 13.59 11.17 -18.15
CA ALA A 25 14.37 10.51 -17.08
C ALA A 25 14.33 8.98 -17.16
N GLU A 26 13.34 8.44 -17.86
CA GLU A 26 13.07 7.01 -17.94
C GLU A 26 14.30 6.13 -18.21
N PRO A 27 14.51 5.10 -17.36
CA PRO A 27 15.57 4.09 -17.52
C PRO A 27 15.28 3.20 -18.72
N PRO A 28 16.34 2.67 -19.36
CA PRO A 28 16.15 1.80 -20.50
C PRO A 28 15.61 0.44 -20.07
N ILE A 29 15.06 -0.32 -21.02
CA ILE A 29 14.62 -1.67 -20.76
C ILE A 29 15.81 -2.59 -20.95
N LEU A 30 16.28 -3.20 -19.86
CA LEU A 30 17.49 -4.02 -19.89
C LEU A 30 17.21 -5.44 -20.34
N TYR A 31 18.26 -6.09 -20.85
CA TYR A 31 18.17 -7.49 -21.25
C TYR A 31 18.74 -8.39 -20.17
N SER A 32 18.29 -9.64 -20.16
CA SER A 32 18.81 -10.66 -19.24
C SER A 32 19.93 -11.42 -19.93
N GLU A 33 20.79 -12.08 -19.15
CA GLU A 33 21.87 -12.88 -19.73
C GLU A 33 21.39 -14.30 -20.04
N TYR A 34 20.07 -14.49 -19.91
CA TYR A 34 19.44 -15.78 -20.16
C TYR A 34 19.91 -16.46 -21.44
N ASP A 35 20.35 -17.71 -21.29
CA ASP A 35 20.65 -18.61 -22.39
C ASP A 35 19.37 -19.42 -22.65
N PRO A 36 18.67 -19.12 -23.77
CA PRO A 36 17.37 -19.70 -24.07
C PRO A 36 17.42 -21.16 -24.55
N THR A 37 18.62 -21.72 -24.67
CA THR A 37 18.80 -23.09 -25.14
C THR A 37 18.80 -24.07 -23.97
N ARG A 38 18.90 -23.53 -22.77
CA ARG A 38 18.97 -24.34 -21.57
C ARG A 38 17.75 -24.13 -20.68
N PRO A 39 17.21 -25.22 -20.13
CA PRO A 39 16.08 -25.19 -19.20
C PRO A 39 16.43 -24.52 -17.87
N PHE A 40 15.41 -24.09 -17.14
CA PHE A 40 15.63 -23.40 -15.87
C PHE A 40 15.81 -24.38 -14.73
N SER A 41 16.59 -23.93 -13.73
CA SER A 41 16.58 -24.56 -12.41
C SER A 41 16.09 -23.48 -11.45
N GLU A 42 15.84 -23.85 -10.20
CA GLU A 42 15.53 -22.86 -9.18
C GLU A 42 16.68 -21.85 -9.06
N ALA A 43 17.91 -22.35 -9.06
CA ALA A 43 19.10 -21.51 -8.90
C ALA A 43 19.32 -20.59 -10.10
N SER A 44 19.15 -21.12 -11.30
CA SER A 44 19.39 -20.33 -12.50
C SER A 44 18.34 -19.22 -12.63
N MET A 45 17.10 -19.56 -12.34
CA MET A 45 16.03 -18.57 -12.36
C MET A 45 16.35 -17.41 -11.41
N MET A 46 16.62 -17.74 -10.15
CA MET A 46 16.95 -16.74 -9.13
C MET A 46 18.12 -15.87 -9.54
N GLY A 47 19.16 -16.50 -10.07
CA GLY A 47 20.35 -15.79 -10.52
C GLY A 47 20.01 -14.78 -11.61
N LEU A 48 19.21 -15.22 -12.57
CA LEU A 48 18.79 -14.34 -13.67
C LEU A 48 18.02 -13.13 -13.16
N LEU A 49 17.06 -13.38 -12.27
CA LEU A 49 16.18 -12.34 -11.76
C LEU A 49 16.91 -11.34 -10.87
N THR A 50 17.76 -11.83 -9.97
CA THR A 50 18.54 -10.96 -9.09
C THR A 50 19.66 -10.23 -9.87
N ASN A 51 20.24 -10.88 -10.87
CA ASN A 51 21.20 -10.22 -11.79
C ASN A 51 20.53 -9.03 -12.45
N LEU A 52 19.34 -9.27 -13.00
CA LEU A 52 18.58 -8.22 -13.66
C LEU A 52 18.26 -7.07 -12.72
N ALA A 53 17.72 -7.41 -11.56
CA ALA A 53 17.30 -6.41 -10.57
C ALA A 53 18.48 -5.57 -10.12
N ASP A 54 19.63 -6.22 -9.88
CA ASP A 54 20.83 -5.49 -9.46
C ASP A 54 21.17 -4.40 -10.48
N ARG A 55 21.17 -4.79 -11.75
CA ARG A 55 21.47 -3.88 -12.83
C ARG A 55 20.42 -2.81 -13.04
N GLU A 56 19.16 -3.09 -12.70
CA GLU A 56 18.13 -2.05 -12.82
C GLU A 56 18.30 -1.05 -11.70
N LEU A 57 18.82 -1.51 -10.57
CA LEU A 57 18.99 -0.65 -9.41
C LEU A 57 19.90 0.52 -9.73
N VAL A 58 20.94 0.27 -10.51
CA VAL A 58 21.91 1.29 -10.90
C VAL A 58 21.25 2.35 -11.79
N HIS A 59 20.41 1.90 -12.72
CA HIS A 59 19.66 2.85 -13.56
C HIS A 59 18.61 3.62 -12.77
N MET A 60 17.99 2.97 -11.79
CA MET A 60 16.95 3.61 -11.00
C MET A 60 17.49 4.80 -10.21
N ILE A 61 18.64 4.60 -9.58
CA ILE A 61 19.27 5.61 -8.76
C ILE A 61 19.55 6.83 -9.61
N ASN A 62 19.93 6.58 -10.87
CA ASN A 62 20.20 7.67 -11.78
C ASN A 62 18.93 8.31 -12.34
N TRP A 63 17.86 7.52 -12.45
CA TRP A 63 16.53 8.05 -12.76
C TRP A 63 15.97 8.91 -11.63
N ALA A 64 16.25 8.52 -10.39
CA ALA A 64 15.67 9.18 -9.22
C ALA A 64 16.24 10.60 -9.11
N LYS A 65 17.53 10.73 -9.41
CA LYS A 65 18.15 12.05 -9.43
C LYS A 65 17.55 12.95 -10.51
N ARG A 66 16.96 12.34 -11.53
CA ARG A 66 16.29 13.09 -12.60
C ARG A 66 14.80 13.39 -12.34
N VAL A 67 14.28 12.94 -11.20
CA VAL A 67 12.91 13.27 -10.80
C VAL A 67 12.84 14.68 -10.19
N PRO A 68 12.05 15.57 -10.80
CA PRO A 68 12.07 16.97 -10.35
C PRO A 68 11.81 17.07 -8.87
N GLY A 69 12.71 17.75 -8.15
CA GLY A 69 12.56 17.93 -6.72
C GLY A 69 13.24 16.86 -5.89
N PHE A 70 13.79 15.83 -6.53
CA PHE A 70 14.44 14.76 -5.79
C PHE A 70 15.85 15.15 -5.28
N VAL A 71 16.59 15.92 -6.07
CA VAL A 71 17.92 16.34 -5.65
C VAL A 71 17.90 17.50 -4.66
N ASP A 72 16.74 18.13 -4.50
CA ASP A 72 16.57 19.18 -3.48
C ASP A 72 16.72 18.63 -2.07
N LEU A 73 16.48 17.32 -1.92
CA LEU A 73 16.53 16.67 -0.62
C LEU A 73 17.96 16.33 -0.23
N THR A 74 18.22 16.22 1.06
CA THR A 74 19.51 15.77 1.56
C THR A 74 19.81 14.37 1.03
N LEU A 75 21.10 14.04 0.98
CA LEU A 75 21.55 12.74 0.51
C LEU A 75 20.93 11.61 1.32
N HIS A 76 20.79 11.83 2.63
CA HIS A 76 20.25 10.81 3.52
C HIS A 76 18.74 10.63 3.39
N ASP A 77 18.04 11.68 2.95
CA ASP A 77 16.62 11.55 2.64
C ASP A 77 16.41 10.85 1.29
N GLN A 78 17.32 11.11 0.35
CA GLN A 78 17.35 10.44 -0.95
C GLN A 78 17.58 8.95 -0.80
N VAL A 79 18.54 8.59 0.05
CA VAL A 79 18.81 7.19 0.41
C VAL A 79 17.57 6.54 1.03
N HIS A 80 16.93 7.24 1.95
CA HIS A 80 15.76 6.72 2.65
C HIS A 80 14.58 6.44 1.71
N LEU A 81 14.27 7.38 0.83
CA LEU A 81 13.18 7.19 -0.13
C LEU A 81 13.43 6.00 -1.08
N LEU A 82 14.67 5.85 -1.54
CA LEU A 82 15.00 4.75 -2.45
C LEU A 82 15.04 3.38 -1.76
N GLU A 83 15.61 3.35 -0.56
CA GLU A 83 15.60 2.14 0.25
C GLU A 83 14.17 1.66 0.46
N CME A 84 13.21 2.61 0.67
CA CME A 84 11.82 2.21 0.91
CB CME A 84 11.19 3.41 1.62
CB CME A 84 11.19 3.41 1.62
SG CME A 84 12.28 4.00 2.90
SG CME A 84 9.43 3.13 1.80
SD CME A 84 11.18 4.12 4.60
SD CME A 84 9.23 1.65 3.17
CE CME A 84 10.42 2.53 4.87
CE CME A 84 10.31 2.00 4.54
CZ CME A 84 9.30 2.65 5.93
CZ CME A 84 11.78 1.76 4.13
OH CME A 84 9.80 3.13 7.18
OH CME A 84 12.66 1.80 5.26
C CME A 84 11.05 1.79 -0.33
O CME A 84 10.26 0.85 -0.30
N ALA A 85 11.33 2.51 -1.48
CA ALA A 85 10.47 2.32 -2.67
C ALA A 85 11.06 1.43 -3.77
N TRP A 86 12.31 1.02 -3.62
CA TRP A 86 13.02 0.32 -4.70
C TRP A 86 12.28 -0.90 -5.27
N LEU A 87 11.80 -1.81 -4.42
CA LEU A 87 11.11 -2.98 -4.93
C LEU A 87 9.76 -2.58 -5.56
N GLU A 88 9.15 -1.52 -5.03
CA GLU A 88 7.87 -1.03 -5.54
C GLU A 88 8.13 -0.45 -6.92
N ILE A 89 9.28 0.18 -7.06
CA ILE A 89 9.63 0.81 -8.34
C ILE A 89 9.96 -0.25 -9.42
N LEU A 90 10.71 -1.27 -9.03
CA LEU A 90 11.02 -2.37 -9.96
C LEU A 90 9.73 -3.07 -10.35
N MET A 91 8.86 -3.29 -9.38
CA MET A 91 7.64 -4.05 -9.62
C MET A 91 6.66 -3.34 -10.54
N ILE A 92 6.44 -2.03 -10.33
CA ILE A 92 5.51 -1.30 -11.18
C ILE A 92 6.09 -1.24 -12.59
N GLY A 93 7.42 -1.18 -12.65
CA GLY A 93 8.12 -1.21 -13.92
C GLY A 93 7.83 -2.50 -14.65
N LEU A 94 8.01 -3.61 -13.94
CA LEU A 94 7.72 -4.94 -14.49
C LEU A 94 6.27 -5.07 -15.00
N VAL A 95 5.33 -4.63 -14.16
CA VAL A 95 3.91 -4.67 -14.46
C VAL A 95 3.59 -3.83 -15.70
N TRP A 96 4.20 -2.65 -15.78
CA TRP A 96 4.03 -1.80 -16.95
C TRP A 96 4.56 -2.42 -18.24
N ARG A 97 5.74 -3.05 -18.18
CA ARG A 97 6.32 -3.74 -19.33
C ARG A 97 5.50 -4.95 -19.79
N SER A 98 4.79 -5.57 -18.85
CA SER A 98 4.03 -6.79 -19.11
C SER A 98 2.60 -6.49 -19.52
N MET A 99 2.25 -5.21 -19.60
CA MET A 99 0.86 -4.82 -19.90
C MET A 99 0.31 -5.52 -21.14
N GLU A 100 1.02 -5.39 -22.25
CA GLU A 100 0.55 -5.98 -23.49
C GLU A 100 0.88 -7.47 -23.66
N HIS A 101 1.05 -8.19 -22.55
CA HIS A 101 1.33 -9.63 -22.60
C HIS A 101 0.51 -10.38 -21.55
N PRO A 102 -0.79 -10.51 -21.78
CA PRO A 102 -1.66 -11.19 -20.82
C PRO A 102 -1.07 -12.53 -20.35
N GLY A 103 -1.15 -12.79 -19.06
CA GLY A 103 -0.63 -14.04 -18.51
C GLY A 103 0.87 -14.12 -18.40
N LYS A 104 1.58 -13.10 -18.88
CA LYS A 104 3.04 -13.17 -18.87
C LYS A 104 3.71 -11.99 -18.19
N LEU A 105 4.92 -12.23 -17.70
CA LEU A 105 5.72 -11.20 -17.03
C LEU A 105 7.00 -10.96 -17.83
N LEU A 106 7.12 -9.78 -18.42
CA LEU A 106 8.27 -9.42 -19.23
C LEU A 106 9.38 -8.83 -18.36
N PHE A 107 10.13 -9.67 -17.67
CA PHE A 107 11.28 -9.21 -16.88
C PHE A 107 12.27 -8.51 -17.78
N ALA A 108 12.46 -9.08 -18.96
CA ALA A 108 13.29 -8.50 -19.99
C ALA A 108 12.67 -8.94 -21.30
N PRO A 109 13.01 -8.26 -22.42
CA PRO A 109 12.48 -8.69 -23.72
C PRO A 109 12.82 -10.15 -24.06
N ASN A 110 14.00 -10.60 -23.64
CA ASN A 110 14.41 -11.98 -23.85
C ASN A 110 14.15 -12.86 -22.63
N LEU A 111 13.30 -12.40 -21.72
CA LEU A 111 12.96 -13.17 -20.53
C LEU A 111 11.51 -12.96 -20.13
N LEU A 112 10.61 -13.47 -20.95
CA LEU A 112 9.17 -13.32 -20.73
C LEU A 112 8.65 -14.64 -20.15
N LEU A 113 8.19 -14.59 -18.91
CA LEU A 113 7.81 -15.81 -18.17
C LEU A 113 6.30 -15.90 -17.88
N ASP A 114 5.79 -17.14 -17.91
CA ASP A 114 4.39 -17.45 -17.60
C ASP A 114 4.27 -17.76 -16.11
N ARG A 115 3.05 -17.76 -15.58
CA ARG A 115 2.84 -18.03 -14.16
C ARG A 115 3.36 -19.40 -13.75
N ASN A 116 3.32 -20.36 -14.67
CA ASN A 116 3.81 -21.72 -14.38
C ASN A 116 5.31 -21.76 -14.17
N GLN A 117 6.00 -20.77 -14.73
CA GLN A 117 7.45 -20.66 -14.58
C GLN A 117 7.81 -19.96 -13.28
N GLY A 118 6.83 -19.33 -12.63
CA GLY A 118 7.01 -18.82 -11.27
C GLY A 118 7.17 -19.96 -10.29
N LYS A 119 6.67 -21.15 -10.68
CA LYS A 119 6.76 -22.33 -9.84
C LYS A 119 8.16 -22.99 -9.90
N CME A 120 9.14 -22.57 -10.79
CA CME A 120 10.59 -22.82 -10.73
CB CME A 120 11.44 -22.10 -11.81
SG CME A 120 11.41 -22.93 -13.38
SD CME A 120 10.86 -24.83 -12.94
CE CME A 120 9.57 -25.21 -14.11
CZ CME A 120 9.35 -23.98 -15.02
OH CME A 120 8.23 -24.25 -15.90
C CME A 120 11.23 -22.47 -9.41
O CME A 120 12.07 -23.23 -8.90
N VAL A 121 10.82 -21.33 -8.83
CA VAL A 121 11.36 -20.91 -7.53
C VAL A 121 10.31 -21.08 -6.44
N GLU A 122 10.71 -21.71 -5.32
CA GLU A 122 9.80 -21.94 -4.20
C GLU A 122 9.19 -20.63 -3.68
N GLY A 123 7.87 -20.60 -3.58
CA GLY A 123 7.12 -19.44 -3.11
C GLY A 123 7.05 -18.28 -4.09
N MET A 124 7.60 -18.45 -5.29
CA MET A 124 7.60 -17.36 -6.25
C MET A 124 6.30 -17.18 -7.03
N VAL A 125 5.56 -18.26 -7.24
CA VAL A 125 4.34 -18.16 -8.04
C VAL A 125 3.29 -17.27 -7.38
N GLU A 126 3.24 -17.27 -6.05
CA GLU A 126 2.33 -16.38 -5.34
C GLU A 126 2.61 -14.92 -5.67
N ILE A 127 3.89 -14.57 -5.78
CA ILE A 127 4.26 -13.21 -6.20
C ILE A 127 3.85 -12.96 -7.64
N PHE A 128 4.21 -13.87 -8.54
CA PHE A 128 3.84 -13.75 -9.95
C PHE A 128 2.35 -13.45 -10.13
N ASP A 129 1.51 -14.17 -9.40
CA ASP A 129 0.05 -13.99 -9.54
C ASP A 129 -0.39 -12.57 -9.19
N MET A 130 0.22 -11.98 -8.17
CA MET A 130 -0.14 -10.62 -7.76
C MET A 130 0.32 -9.62 -8.82
N LEU A 131 1.49 -9.87 -9.39
CA LEU A 131 2.01 -9.00 -10.43
C LEU A 131 1.15 -9.09 -11.69
N LEU A 132 0.83 -10.33 -12.07
CA LEU A 132 -0.04 -10.58 -13.22
C LEU A 132 -1.40 -9.91 -13.00
N ALA A 133 -1.93 -10.02 -11.80
CA ALA A 133 -3.20 -9.35 -11.49
C ALA A 133 -3.12 -7.83 -11.66
N THR A 134 -1.99 -7.23 -11.29
CA THR A 134 -1.80 -5.79 -11.42
C THR A 134 -1.70 -5.36 -12.89
N SER A 135 -1.07 -6.20 -13.69
CA SER A 135 -0.91 -5.92 -15.11
C SER A 135 -2.28 -6.00 -15.79
N SER A 136 -3.02 -7.05 -15.45
CA SER A 136 -4.40 -7.17 -15.92
C SER A 136 -5.20 -5.90 -15.59
N ARG A 137 -5.02 -5.37 -14.38
CA ARG A 137 -5.72 -4.15 -13.98
C ARG A 137 -5.27 -2.91 -14.77
N PHE A 138 -3.96 -2.79 -15.02
CA PHE A 138 -3.44 -1.70 -15.87
C PHE A 138 -4.12 -1.73 -17.22
N ARG A 139 -4.32 -2.96 -17.70
CA ARG A 139 -4.89 -3.23 -19.01
C ARG A 139 -6.36 -2.84 -19.01
N MET A 140 -7.04 -3.17 -17.92
CA MET A 140 -8.45 -2.82 -17.77
C MET A 140 -8.66 -1.30 -17.82
N MET A 141 -7.73 -0.56 -17.22
CA MET A 141 -7.82 0.91 -17.17
C MET A 141 -7.25 1.55 -18.41
N ASN A 142 -6.56 0.76 -19.21
CA ASN A 142 -5.86 1.25 -20.36
C ASN A 142 -4.90 2.31 -19.85
N LEU A 143 -4.13 1.95 -18.82
CA LEU A 143 -3.14 2.86 -18.24
C LEU A 143 -2.30 3.42 -19.37
N GLN A 144 -2.04 4.73 -19.34
CA GLN A 144 -1.18 5.38 -20.33
C GLN A 144 0.23 5.55 -19.82
N GLY A 145 1.20 5.60 -20.75
CA GLY A 145 2.61 5.78 -20.38
C GLY A 145 2.90 7.03 -19.59
N GLU A 146 2.21 8.12 -19.93
CA GLU A 146 2.34 9.37 -19.19
C GLU A 146 1.84 9.24 -17.77
N GLU A 147 0.78 8.46 -17.60
CA GLU A 147 0.22 8.21 -16.26
C GLU A 147 1.21 7.38 -15.46
N PHE A 148 1.72 6.33 -16.10
CA PHE A 148 2.69 5.39 -15.51
C PHE A 148 3.87 6.12 -14.86
N VAL A 149 4.56 6.96 -15.63
CA VAL A 149 5.69 7.74 -15.13
C VAL A 149 5.33 8.65 -13.95
N CYS A 150 4.14 9.22 -13.97
CA CYS A 150 3.66 9.98 -12.83
C CYS A 150 3.56 9.08 -11.58
N LEU A 151 2.91 7.93 -11.74
CA LEU A 151 2.70 6.98 -10.64
C LEU A 151 4.00 6.48 -10.03
N LYS A 152 4.98 6.21 -10.87
CA LYS A 152 6.28 5.75 -10.39
C LYS A 152 7.01 6.84 -9.61
N SER A 153 6.93 8.09 -10.06
CA SER A 153 7.54 9.19 -9.33
C SER A 153 6.83 9.42 -8.01
N ILE A 154 5.51 9.27 -8.01
CA ILE A 154 4.72 9.36 -6.79
C ILE A 154 5.20 8.37 -5.75
N ILE A 155 5.39 7.11 -6.18
CA ILE A 155 5.87 6.05 -5.29
C ILE A 155 7.21 6.40 -4.66
N LEU A 156 8.14 6.86 -5.49
CA LEU A 156 9.46 7.23 -5.00
C LEU A 156 9.34 8.26 -3.88
N LEU A 157 8.53 9.28 -4.13
CA LEU A 157 8.39 10.40 -3.19
C LEU A 157 7.44 10.11 -2.03
N ASN A 158 6.52 9.18 -2.23
CA ASN A 158 5.50 8.94 -1.21
C ASN A 158 5.82 7.84 -0.20
N SER A 159 6.30 6.71 -0.69
CA SER A 159 6.41 5.51 0.14
C SER A 159 7.17 5.69 1.46
N GLY A 160 8.19 6.55 1.47
CA GLY A 160 8.95 6.79 2.71
C GLY A 160 8.78 8.17 3.33
N VAL A 161 7.93 9.01 2.75
CA VAL A 161 7.79 10.39 3.25
C VAL A 161 7.20 10.53 4.68
N TYR A 162 6.43 9.55 5.13
CA TYR A 162 5.90 9.59 6.50
C TYR A 162 6.99 9.19 7.50
N THR A 163 7.99 8.45 7.01
CA THR A 163 9.05 7.90 7.84
C THR A 163 10.14 8.93 8.11
N PHE A 164 9.93 10.17 7.66
CA PHE A 164 10.90 11.22 7.94
C PHE A 164 10.84 11.66 9.41
N LEU A 172 9.21 20.52 9.63
CA LEU A 172 9.59 19.51 8.64
C LEU A 172 9.46 20.06 7.23
N GLU A 173 10.38 20.94 6.85
CA GLU A 173 10.34 21.57 5.52
C GLU A 173 10.66 20.55 4.43
N GLU A 174 11.49 19.57 4.77
CA GLU A 174 11.81 18.47 3.86
C GLU A 174 10.55 17.71 3.46
N LYS A 175 9.67 17.47 4.44
CA LYS A 175 8.44 16.73 4.21
C LYS A 175 7.35 17.60 3.55
N ASP A 176 7.32 18.90 3.87
CA ASP A 176 6.39 19.82 3.23
C ASP A 176 6.78 20.13 1.80
N HIS A 177 8.08 20.07 1.52
CA HIS A 177 8.58 20.27 0.16
C HIS A 177 8.12 19.12 -0.70
N ILE A 178 8.34 17.90 -0.21
CA ILE A 178 7.95 16.67 -0.91
C ILE A 178 6.46 16.66 -1.23
N HIS A 179 5.66 17.13 -0.28
CA HIS A 179 4.21 17.22 -0.48
C HIS A 179 3.81 18.27 -1.50
N ARG A 180 4.62 19.31 -1.63
CA ARG A 180 4.38 20.28 -2.70
C ARG A 180 4.68 19.64 -4.05
N VAL A 181 5.77 18.90 -4.13
CA VAL A 181 6.13 18.21 -5.38
C VAL A 181 5.07 17.16 -5.73
N LEU A 182 4.58 16.44 -4.72
CA LEU A 182 3.54 15.42 -4.92
C LEU A 182 2.25 16.04 -5.43
N ASP A 183 1.93 17.25 -4.98
CA ASP A 183 0.77 17.97 -5.50
C ASP A 183 0.91 18.37 -6.97
N LYS A 184 2.13 18.67 -7.41
CA LYS A 184 2.40 19.03 -8.80
C LYS A 184 2.21 17.81 -9.68
N ILE A 185 2.68 16.66 -9.19
CA ILE A 185 2.48 15.42 -9.94
C ILE A 185 0.99 15.11 -10.05
N THR A 186 0.24 15.35 -8.97
CA THR A 186 -1.22 15.16 -9.01
C THR A 186 -1.86 16.08 -10.07
N ASP A 187 -1.46 17.35 -10.05
CA ASP A 187 -1.88 18.30 -11.08
C ASP A 187 -1.57 17.75 -12.48
N THR A 188 -0.35 17.25 -12.67
CA THR A 188 0.08 16.66 -13.94
C THR A 188 -0.79 15.48 -14.37
N LEU A 189 -1.09 14.58 -13.45
CA LEU A 189 -2.01 13.47 -13.73
C LEU A 189 -3.40 13.96 -14.17
N ILE A 190 -3.91 14.96 -13.47
CA ILE A 190 -5.23 15.54 -13.77
C ILE A 190 -5.19 16.24 -15.13
N HIS A 191 -4.11 17.00 -15.34
CA HIS A 191 -3.85 17.65 -16.63
C HIS A 191 -3.96 16.65 -17.80
N LEU A 192 -3.30 15.50 -17.67
CA LEU A 192 -3.31 14.48 -18.74
C LEU A 192 -4.72 13.97 -18.99
N MET A 193 -5.51 13.84 -17.92
CA MET A 193 -6.87 13.36 -18.03
C MET A 193 -7.79 14.39 -18.68
N ALA A 194 -7.58 15.67 -18.35
CA ALA A 194 -8.31 16.76 -18.97
C ALA A 194 -7.98 16.79 -20.45
N LYS A 195 -6.68 16.67 -20.74
CA LYS A 195 -6.13 16.61 -22.09
C LYS A 195 -6.73 15.44 -22.88
N ALA A 196 -7.03 14.34 -22.19
CA ALA A 196 -7.62 13.19 -22.87
C ALA A 196 -9.14 13.32 -23.06
N GLY A 197 -9.72 14.40 -22.56
CA GLY A 197 -11.15 14.66 -22.75
C GLY A 197 -12.08 14.03 -21.72
N LEU A 198 -11.53 13.59 -20.59
CA LEU A 198 -12.37 13.07 -19.53
C LEU A 198 -13.13 14.20 -18.84
N THR A 199 -14.35 13.91 -18.38
CA THR A 199 -15.08 14.89 -17.59
C THR A 199 -14.44 15.06 -16.24
N LEU A 200 -14.81 16.15 -15.57
CA LEU A 200 -14.36 16.43 -14.21
C LEU A 200 -14.58 15.21 -13.33
N GLN A 201 -15.79 14.69 -13.33
CA GLN A 201 -16.12 13.53 -12.51
C GLN A 201 -15.27 12.31 -12.87
N GLN A 202 -15.00 12.11 -14.15
CA GLN A 202 -14.18 10.96 -14.57
C GLN A 202 -12.71 11.13 -14.21
N GLN A 203 -12.24 12.39 -14.17
CA GLN A 203 -10.87 12.69 -13.80
C GLN A 203 -10.62 12.32 -12.33
N HIS A 204 -11.55 12.70 -11.46
CA HIS A 204 -11.51 12.40 -10.07
C HIS A 204 -11.58 10.92 -9.73
N GLN A 205 -12.50 10.29 -10.41
CA GLN A 205 -12.59 8.84 -10.39
C GLN A 205 -11.35 8.16 -10.86
N ARG A 206 -10.84 8.59 -12.03
CA ARG A 206 -9.65 7.87 -12.50
C ARG A 206 -8.45 8.07 -11.61
N LEU A 207 -8.30 9.29 -11.13
CA LEU A 207 -7.18 9.58 -10.23
C LEU A 207 -7.20 8.58 -9.07
N ALA A 208 -8.37 8.45 -8.44
CA ALA A 208 -8.56 7.56 -7.31
C ALA A 208 -8.21 6.14 -7.68
N GLN A 209 -8.69 5.69 -8.85
CA GLN A 209 -8.41 4.36 -9.35
C GLN A 209 -6.91 4.12 -9.51
N LEU A 210 -6.21 5.10 -10.03
CA LEU A 210 -4.78 4.93 -10.28
C LEU A 210 -4.03 4.88 -8.96
N LEU A 211 -4.40 5.77 -8.03
CA LEU A 211 -3.68 5.88 -6.76
C LEU A 211 -3.96 4.71 -5.82
N LEU A 212 -5.16 4.13 -5.92
CA LEU A 212 -5.47 2.95 -5.13
C LEU A 212 -4.67 1.72 -5.60
N ILE A 213 -4.19 1.76 -6.85
CA ILE A 213 -3.30 0.71 -7.32
C ILE A 213 -2.01 0.74 -6.51
N LEU A 214 -1.55 1.93 -6.10
CA LEU A 214 -0.33 2.02 -5.31
C LEU A 214 -0.43 1.27 -3.99
N SER A 215 -1.65 1.08 -3.48
CA SER A 215 -1.81 0.32 -2.24
C SER A 215 -1.53 -1.15 -2.48
N HIS A 216 -1.88 -1.65 -3.66
CA HIS A 216 -1.62 -3.05 -3.99
C HIS A 216 -0.15 -3.24 -4.30
N ILE A 217 0.45 -2.26 -4.95
CA ILE A 217 1.87 -2.34 -5.27
C ILE A 217 2.74 -2.34 -4.00
N ARG A 218 2.33 -1.58 -3.00
CA ARG A 218 3.01 -1.63 -1.70
C ARG A 218 2.93 -3.02 -1.09
N HIS A 219 1.72 -3.61 -1.13
CA HIS A 219 1.49 -4.98 -0.67
C HIS A 219 2.43 -6.01 -1.35
N MET A 220 2.51 -5.94 -2.67
CA MET A 220 3.38 -6.83 -3.46
C MET A 220 4.84 -6.67 -3.07
N SER A 221 5.25 -5.43 -2.82
CA SER A 221 6.62 -5.14 -2.37
C SER A 221 6.94 -5.74 -1.00
N ASN A 222 6.03 -5.58 -0.05
CA ASN A 222 6.20 -6.19 1.25
C ASN A 222 6.30 -7.71 1.17
N LYS A 223 5.46 -8.31 0.36
CA LYS A 223 5.44 -9.76 0.19
C LYS A 223 6.65 -10.24 -0.59
N GLY A 224 7.04 -9.50 -1.63
CA GLY A 224 8.24 -9.84 -2.38
C GLY A 224 9.50 -9.67 -1.56
N MET A 225 9.50 -8.67 -0.69
CA MET A 225 10.65 -8.44 0.19
C MET A 225 10.86 -9.65 1.13
N GLU A 226 9.77 -10.14 1.71
CA GLU A 226 9.86 -11.31 2.57
C GLU A 226 10.26 -12.57 1.79
N HIS A 227 9.83 -12.67 0.52
CA HIS A 227 10.22 -13.81 -0.31
C HIS A 227 11.70 -13.75 -0.65
N LEU A 228 12.15 -12.57 -1.05
CA LEU A 228 13.56 -12.36 -1.38
C LEU A 228 14.45 -12.65 -0.18
N TYR A 229 14.01 -12.26 1.01
CA TYR A 229 14.74 -12.53 2.23
C TYR A 229 14.76 -14.02 2.55
N SER A 230 13.65 -14.68 2.24
CA SER A 230 13.52 -16.12 2.40
C SER A 230 14.49 -16.85 1.45
N MET A 231 14.64 -16.30 0.25
CA MET A 231 15.54 -16.87 -0.75
C MET A 231 17.01 -16.60 -0.42
N LYS A 232 17.25 -15.55 0.37
CA LYS A 232 18.61 -15.24 0.82
C LYS A 232 19.09 -16.18 1.92
N CME A 233 18.19 -16.55 2.82
CA CME A 233 18.49 -17.51 3.89
CB CME A 233 17.36 -17.54 4.92
SG CME A 233 17.09 -15.98 5.77
C CME A 233 18.70 -18.90 3.30
O CME A 233 19.63 -19.61 3.68
N LYS A 234 17.83 -19.27 2.37
CA LYS A 234 17.94 -20.55 1.68
C LYS A 234 19.18 -20.57 0.78
N ASN A 235 19.80 -19.40 0.63
CA ASN A 235 21.08 -19.26 -0.07
C ASN A 235 21.18 -20.09 -1.35
N VAL A 236 20.17 -19.98 -2.20
CA VAL A 236 20.17 -20.70 -3.47
C VAL A 236 21.09 -20.03 -4.48
N VAL A 237 21.25 -18.71 -4.34
CA VAL A 237 22.07 -17.92 -5.27
C VAL A 237 22.72 -16.77 -4.53
N PRO A 238 23.94 -16.39 -4.92
CA PRO A 238 24.58 -15.20 -4.32
C PRO A 238 24.01 -13.90 -4.86
N LEU A 239 23.64 -13.00 -3.95
CA LEU A 239 23.11 -11.69 -4.30
C LEU A 239 24.21 -10.65 -4.24
N SER A 240 24.11 -9.62 -5.08
CA SER A 240 25.08 -8.53 -5.08
C SER A 240 24.95 -7.71 -3.80
N ASP A 241 26.05 -7.07 -3.42
CA ASP A 241 26.07 -6.25 -2.21
C ASP A 241 25.01 -5.17 -2.25
N LEU A 242 24.89 -4.51 -3.40
CA LEU A 242 23.88 -3.48 -3.59
C LEU A 242 22.49 -4.02 -3.33
N LEU A 243 22.18 -5.20 -3.87
CA LEU A 243 20.91 -5.83 -3.63
C LEU A 243 20.76 -6.21 -2.16
N LEU A 244 21.82 -6.77 -1.56
CA LEU A 244 21.82 -7.11 -0.14
C LEU A 244 21.53 -5.91 0.77
N GLU A 245 22.13 -4.77 0.43
CA GLU A 245 21.91 -3.57 1.24
C GLU A 245 20.51 -2.96 1.06
N MET A 246 19.96 -3.05 -0.15
CA MET A 246 18.61 -2.55 -0.38
C MET A 246 17.63 -3.43 0.39
N LEU A 247 17.93 -4.72 0.42
CA LEU A 247 17.10 -5.68 1.14
C LEU A 247 17.19 -5.49 2.65
N ASP A 248 18.42 -5.45 3.16
CA ASP A 248 18.67 -5.28 4.60
C ASP A 248 18.09 -4.00 5.19
N ALA A 249 17.85 -2.98 4.34
CA ALA A 249 17.21 -1.73 4.75
C ALA A 249 15.77 -1.93 5.22
N HIS A 250 15.17 -3.05 4.82
CA HIS A 250 13.79 -3.37 5.18
C HIS A 250 13.70 -4.29 6.39
N ARG A 251 14.81 -4.95 6.72
CA ARG A 251 14.86 -5.80 7.90
C ARG A 251 14.88 -4.96 9.17
N LEU A 252 14.55 -5.60 10.29
CA LEU A 252 14.51 -4.93 11.58
C LEU A 252 13.23 -4.11 11.75
N SER B 8 -28.45 -2.19 -7.73
CA SER B 8 -27.94 -1.95 -6.35
C SER B 8 -28.29 -0.56 -5.86
N LEU B 9 -29.03 -0.49 -4.76
CA LEU B 9 -29.52 0.77 -4.23
C LEU B 9 -28.37 1.65 -3.74
N ALA B 10 -27.25 1.03 -3.39
CA ALA B 10 -26.05 1.77 -3.00
C ALA B 10 -25.53 2.67 -4.12
N LEU B 11 -25.86 2.33 -5.36
CA LEU B 11 -25.43 3.11 -6.52
C LEU B 11 -26.33 4.32 -6.77
N SER B 12 -27.55 4.28 -6.24
CA SER B 12 -28.49 5.38 -6.40
C SER B 12 -28.44 6.39 -5.24
N LEU B 13 -27.57 6.12 -4.26
CA LEU B 13 -27.42 7.03 -3.12
C LEU B 13 -26.74 8.32 -3.53
N THR B 14 -27.20 9.44 -2.98
CA THR B 14 -26.50 10.71 -3.16
C THR B 14 -25.26 10.73 -2.27
N ALA B 15 -24.37 11.67 -2.52
CA ALA B 15 -23.18 11.81 -1.68
C ALA B 15 -23.57 11.97 -0.20
N ASP B 16 -24.56 12.81 0.07
CA ASP B 16 -25.02 13.07 1.43
C ASP B 16 -25.56 11.81 2.12
N GLN B 17 -26.23 10.97 1.35
CA GLN B 17 -26.80 9.73 1.88
C GLN B 17 -25.69 8.74 2.18
N MET B 18 -24.67 8.70 1.31
CA MET B 18 -23.49 7.86 1.54
C MET B 18 -22.79 8.20 2.85
N VAL B 19 -22.47 9.48 3.03
CA VAL B 19 -21.82 9.98 4.24
C VAL B 19 -22.64 9.60 5.48
N SER B 20 -23.92 9.93 5.42
CA SER B 20 -24.86 9.65 6.49
C SER B 20 -24.90 8.15 6.82
N ALA B 21 -24.99 7.32 5.79
CA ALA B 21 -25.01 5.87 5.98
C ALA B 21 -23.74 5.33 6.65
N LEU B 22 -22.58 5.83 6.24
CA LEU B 22 -21.29 5.45 6.81
C LEU B 22 -21.10 5.93 8.25
N LEU B 23 -21.46 7.19 8.51
CA LEU B 23 -21.43 7.72 9.87
C LEU B 23 -22.28 6.87 10.82
N ASP B 24 -23.48 6.50 10.40
CA ASP B 24 -24.37 5.69 11.23
C ASP B 24 -23.87 4.26 11.45
N ALA B 25 -23.05 3.75 10.53
CA ALA B 25 -22.57 2.37 10.63
C ALA B 25 -21.36 2.25 11.55
N GLU B 26 -20.74 3.39 11.87
CA GLU B 26 -19.56 3.45 12.71
C GLU B 26 -19.61 2.53 13.94
N PRO B 27 -18.61 1.66 14.10
CA PRO B 27 -18.58 0.81 15.28
C PRO B 27 -18.34 1.67 16.49
N PRO B 28 -18.56 1.13 17.70
CA PRO B 28 -18.27 1.88 18.91
C PRO B 28 -16.79 1.81 19.32
N ILE B 29 -16.34 2.75 20.14
CA ILE B 29 -15.01 2.67 20.73
C ILE B 29 -15.09 1.80 21.98
N LEU B 30 -14.32 0.71 21.99
CA LEU B 30 -14.41 -0.26 23.06
C LEU B 30 -13.39 0.04 24.14
N TYR B 31 -13.61 -0.54 25.32
CA TYR B 31 -12.68 -0.42 26.42
C TYR B 31 -11.77 -1.64 26.51
N SER B 32 -10.62 -1.40 27.13
CA SER B 32 -9.66 -2.42 27.44
C SER B 32 -9.99 -3.00 28.82
N GLU B 33 -9.57 -4.23 29.08
CA GLU B 33 -9.70 -4.78 30.44
C GLU B 33 -8.51 -4.40 31.33
N TYR B 34 -7.61 -3.56 30.81
CA TYR B 34 -6.40 -3.17 31.54
C TYR B 34 -6.70 -2.72 32.97
N ASP B 35 -6.04 -3.36 33.93
CA ASP B 35 -6.08 -2.93 35.33
C ASP B 35 -4.91 -1.98 35.56
N PRO B 36 -5.17 -0.66 35.62
CA PRO B 36 -4.13 0.39 35.62
C PRO B 36 -3.25 0.37 36.87
N THR B 37 -3.63 -0.41 37.86
CA THR B 37 -2.82 -0.60 39.06
C THR B 37 -1.89 -1.80 38.89
N ARG B 38 -2.03 -2.51 37.77
CA ARG B 38 -1.13 -3.62 37.46
C ARG B 38 0.00 -3.18 36.54
N PRO B 39 1.17 -3.84 36.63
CA PRO B 39 2.31 -3.56 35.74
C PRO B 39 2.18 -4.16 34.33
N PHE B 40 2.88 -3.54 33.39
CA PHE B 40 2.98 -4.05 32.02
C PHE B 40 4.15 -5.01 31.90
N SER B 41 3.92 -6.11 31.17
CA SER B 41 4.98 -7.01 30.73
C SER B 41 4.69 -7.28 29.27
N GLU B 42 5.69 -7.80 28.56
CA GLU B 42 5.54 -8.07 27.15
C GLU B 42 4.27 -8.88 26.89
N ALA B 43 4.07 -9.93 27.68
CA ALA B 43 2.94 -10.84 27.52
C ALA B 43 1.59 -10.20 27.92
N SER B 44 1.58 -9.41 28.99
CA SER B 44 0.33 -8.78 29.42
C SER B 44 -0.12 -7.69 28.43
N MET B 45 0.83 -6.93 27.91
CA MET B 45 0.49 -5.91 26.92
C MET B 45 -0.07 -6.56 25.65
N MET B 46 0.66 -7.52 25.09
CA MET B 46 0.16 -8.28 23.95
C MET B 46 -1.23 -8.89 24.22
N GLY B 47 -1.43 -9.41 25.43
CA GLY B 47 -2.73 -9.93 25.81
C GLY B 47 -3.82 -8.87 25.75
N LEU B 48 -3.55 -7.70 26.33
CA LEU B 48 -4.52 -6.59 26.33
C LEU B 48 -4.87 -6.14 24.91
N LEU B 49 -3.87 -6.07 24.03
CA LEU B 49 -4.06 -5.56 22.66
C LEU B 49 -4.78 -6.58 21.78
N THR B 50 -4.37 -7.85 21.83
CA THR B 50 -5.04 -8.89 21.03
C THR B 50 -6.48 -9.10 21.50
N ASN B 51 -6.68 -9.01 22.82
CA ASN B 51 -8.02 -9.13 23.40
C ASN B 51 -8.91 -8.03 22.86
N LEU B 52 -8.39 -6.81 22.93
CA LEU B 52 -9.09 -5.66 22.36
C LEU B 52 -9.40 -5.86 20.88
N ALA B 53 -8.39 -6.27 20.11
CA ALA B 53 -8.53 -6.46 18.66
C ALA B 53 -9.63 -7.45 18.36
N ASP B 54 -9.60 -8.59 19.03
CA ASP B 54 -10.58 -9.65 18.83
C ASP B 54 -12.03 -9.13 19.01
N ARG B 55 -12.25 -8.38 20.08
CA ARG B 55 -13.56 -7.80 20.34
C ARG B 55 -13.94 -6.76 19.28
N GLU B 56 -12.98 -5.98 18.80
CA GLU B 56 -13.25 -5.00 17.75
C GLU B 56 -13.61 -5.69 16.46
N LEU B 57 -12.94 -6.81 16.18
CA LEU B 57 -13.22 -7.60 14.99
C LEU B 57 -14.70 -7.95 14.81
N VAL B 58 -15.36 -8.36 15.88
CA VAL B 58 -16.76 -8.70 15.81
C VAL B 58 -17.59 -7.48 15.44
N HIS B 59 -17.24 -6.30 15.98
CA HIS B 59 -17.95 -5.06 15.61
C HIS B 59 -17.64 -4.62 14.17
N MET B 60 -16.43 -4.95 13.70
CA MET B 60 -16.03 -4.63 12.33
C MET B 60 -16.88 -5.37 11.31
N ILE B 61 -17.08 -6.66 11.57
CA ILE B 61 -17.85 -7.52 10.70
C ILE B 61 -19.25 -6.96 10.51
N ASN B 62 -19.86 -6.52 11.61
CA ASN B 62 -21.19 -5.95 11.52
C ASN B 62 -21.20 -4.52 10.96
N TRP B 63 -20.09 -3.80 11.11
CA TRP B 63 -19.93 -2.52 10.42
C TRP B 63 -19.89 -2.70 8.90
N ALA B 64 -19.13 -3.71 8.44
CA ALA B 64 -18.95 -3.95 7.02
C ALA B 64 -20.30 -4.19 6.35
N LYS B 65 -21.13 -4.99 7.00
CA LYS B 65 -22.46 -5.29 6.50
C LYS B 65 -23.30 -4.02 6.29
N ARG B 66 -22.93 -2.96 7.00
CA ARG B 66 -23.64 -1.69 6.87
C ARG B 66 -23.02 -0.70 5.85
N VAL B 67 -21.86 -1.06 5.30
CA VAL B 67 -21.23 -0.26 4.24
C VAL B 67 -21.97 -0.47 2.90
N PRO B 68 -22.52 0.61 2.33
CA PRO B 68 -23.35 0.51 1.13
C PRO B 68 -22.71 -0.34 0.05
N GLY B 69 -23.41 -1.39 -0.38
CA GLY B 69 -22.93 -2.27 -1.44
C GLY B 69 -22.18 -3.52 -1.01
N PHE B 70 -21.73 -3.56 0.25
CA PHE B 70 -20.97 -4.71 0.74
C PHE B 70 -21.80 -6.00 0.74
N VAL B 71 -23.06 -5.91 1.18
CA VAL B 71 -23.94 -7.07 1.22
C VAL B 71 -24.43 -7.51 -0.17
N ASP B 72 -24.18 -6.69 -1.17
CA ASP B 72 -24.51 -7.07 -2.55
C ASP B 72 -23.54 -8.14 -3.03
N LEU B 73 -22.45 -8.32 -2.30
CA LEU B 73 -21.43 -9.29 -2.66
C LEU B 73 -21.71 -10.65 -2.06
N THR B 74 -21.21 -11.69 -2.71
CA THR B 74 -21.33 -13.05 -2.18
C THR B 74 -20.68 -13.10 -0.81
N LEU B 75 -21.04 -14.12 -0.04
CA LEU B 75 -20.44 -14.32 1.27
C LEU B 75 -18.95 -14.55 1.09
N HIS B 76 -18.61 -15.21 -0.02
CA HIS B 76 -17.23 -15.54 -0.29
C HIS B 76 -16.37 -14.29 -0.53
N ASP B 77 -16.87 -13.39 -1.36
CA ASP B 77 -16.17 -12.13 -1.62
C ASP B 77 -16.02 -11.29 -0.35
N GLN B 78 -17.10 -11.20 0.42
CA GLN B 78 -17.10 -10.51 1.70
C GLN B 78 -15.98 -11.02 2.62
N VAL B 79 -15.99 -12.32 2.85
CA VAL B 79 -14.95 -12.99 3.62
C VAL B 79 -13.55 -12.59 3.14
N HIS B 80 -13.34 -12.65 1.84
CA HIS B 80 -12.03 -12.36 1.26
C HIS B 80 -11.55 -10.93 1.54
N LEU B 81 -12.46 -9.97 1.39
CA LEU B 81 -12.15 -8.58 1.62
C LEU B 81 -11.78 -8.31 3.08
N LEU B 82 -12.65 -8.70 3.99
CA LEU B 82 -12.41 -8.53 5.42
C LEU B 82 -11.11 -9.22 5.87
N GLU B 83 -10.86 -10.44 5.39
CA GLU B 83 -9.59 -11.13 5.67
C GLU B 83 -8.39 -10.32 5.23
N CME B 84 -8.51 -9.64 4.07
CA CME B 84 -7.44 -8.80 3.53
CB CME B 84 -7.74 -8.64 2.03
CB CME B 84 -7.74 -8.64 2.03
SG CME B 84 -7.67 -10.18 1.18
SG CME B 84 -6.56 -7.59 1.24
SD CME B 84 -5.86 -10.26 0.28
SD CME B 84 -4.77 -8.49 1.44
CE CME B 84 -4.99 -8.95 1.10
CE CME B 84 -4.86 -9.77 0.22
CZ CME B 84 -3.51 -9.25 1.31
CZ CME B 84 -4.80 -11.18 0.81
OH CME B 84 -3.19 -9.31 2.72
OH CME B 84 -5.56 -11.25 2.03
C CME B 84 -7.24 -7.48 4.26
O CME B 84 -6.09 -7.06 4.44
N ALA B 85 -8.37 -6.86 4.70
CA ALA B 85 -8.34 -5.46 5.20
C ALA B 85 -8.34 -5.26 6.74
N TRP B 86 -8.78 -6.31 7.43
CA TRP B 86 -8.99 -6.24 8.89
C TRP B 86 -7.97 -5.45 9.71
N LEU B 87 -6.68 -5.72 9.51
CA LEU B 87 -5.65 -5.02 10.26
C LEU B 87 -5.53 -3.55 9.83
N GLU B 88 -5.57 -3.33 8.52
CA GLU B 88 -5.56 -1.95 7.99
C GLU B 88 -6.72 -1.14 8.58
N ILE B 89 -7.86 -1.79 8.71
CA ILE B 89 -9.07 -1.16 9.25
C ILE B 89 -8.99 -0.91 10.76
N LEU B 90 -8.44 -1.85 11.53
CA LEU B 90 -8.19 -1.62 12.94
C LEU B 90 -7.21 -0.46 13.13
N MET B 91 -6.14 -0.47 12.35
CA MET B 91 -5.08 0.55 12.45
C MET B 91 -5.52 1.97 12.08
N ILE B 92 -6.25 2.12 10.98
CA ILE B 92 -6.70 3.45 10.59
C ILE B 92 -7.65 4.02 11.65
N GLY B 93 -8.47 3.17 12.26
CA GLY B 93 -9.35 3.61 13.35
C GLY B 93 -8.49 4.01 14.53
N LEU B 94 -7.47 3.22 14.83
CA LEU B 94 -6.53 3.58 15.89
C LEU B 94 -5.91 4.97 15.66
N VAL B 95 -5.34 5.17 14.48
CA VAL B 95 -4.73 6.44 14.12
C VAL B 95 -5.75 7.60 14.23
N TRP B 96 -6.96 7.39 13.72
CA TRP B 96 -8.04 8.35 13.90
C TRP B 96 -8.29 8.69 15.38
N ARG B 97 -8.39 7.65 16.24
CA ARG B 97 -8.66 7.83 17.67
C ARG B 97 -7.55 8.59 18.37
N SER B 98 -6.36 8.54 17.80
CA SER B 98 -5.16 9.08 18.43
C SER B 98 -4.81 10.47 17.90
N MET B 99 -5.58 10.96 16.92
CA MET B 99 -5.28 12.26 16.31
C MET B 99 -5.01 13.37 17.32
N GLU B 100 -5.85 13.46 18.34
CA GLU B 100 -5.71 14.53 19.33
C GLU B 100 -4.87 14.13 20.56
N HIS B 101 -4.09 13.06 20.41
CA HIS B 101 -3.13 12.66 21.44
C HIS B 101 -1.73 12.51 20.83
N PRO B 102 -1.08 13.64 20.47
CA PRO B 102 0.23 13.58 19.82
C PRO B 102 1.23 12.77 20.64
N GLY B 103 2.03 11.96 19.95
CA GLY B 103 3.01 11.08 20.59
C GLY B 103 2.44 9.90 21.34
N LYS B 104 1.12 9.74 21.30
CA LYS B 104 0.45 8.61 21.97
C LYS B 104 -0.55 7.89 21.07
N LEU B 105 -0.80 6.62 21.37
CA LEU B 105 -1.79 5.82 20.63
C LEU B 105 -2.95 5.46 21.55
N LEU B 106 -4.14 5.93 21.19
CA LEU B 106 -5.34 5.65 21.99
C LEU B 106 -5.96 4.34 21.55
N PHE B 107 -5.41 3.23 22.06
CA PHE B 107 -5.93 1.90 21.73
C PHE B 107 -7.34 1.78 22.30
N ALA B 108 -7.54 2.39 23.46
CA ALA B 108 -8.84 2.38 24.15
C ALA B 108 -8.85 3.62 25.02
N PRO B 109 -10.05 4.09 25.41
CA PRO B 109 -10.07 5.28 26.26
C PRO B 109 -9.29 5.08 27.56
N ASN B 110 -9.23 3.83 28.02
CA ASN B 110 -8.50 3.45 29.24
C ASN B 110 -7.21 2.73 28.92
N LEU B 111 -6.74 2.91 27.69
CA LEU B 111 -5.50 2.28 27.26
C LEU B 111 -4.79 3.19 26.26
N LEU B 112 -4.20 4.26 26.79
CA LEU B 112 -3.49 5.24 26.01
C LEU B 112 -1.99 5.04 26.23
N LEU B 113 -1.28 4.61 25.20
CA LEU B 113 0.14 4.33 25.34
C LEU B 113 1.00 5.29 24.53
N ASP B 114 2.10 5.79 25.13
CA ASP B 114 3.10 6.55 24.38
C ASP B 114 4.10 5.63 23.71
N ARG B 115 4.98 6.22 22.88
CA ARG B 115 5.99 5.48 22.14
C ARG B 115 6.83 4.55 22.99
N ASN B 116 7.37 5.06 24.10
CA ASN B 116 8.25 4.26 24.96
C ASN B 116 7.56 3.09 25.62
N GLN B 117 6.24 3.16 25.74
CA GLN B 117 5.50 2.02 26.26
C GLN B 117 5.43 0.90 25.20
N GLY B 118 5.60 1.28 23.94
CA GLY B 118 5.70 0.31 22.86
C GLY B 118 6.91 -0.58 23.02
N LYS B 119 7.99 0.00 23.55
CA LYS B 119 9.20 -0.78 23.81
C LYS B 119 8.98 -1.93 24.78
N CME B 120 7.72 -1.94 25.46
CA CME B 120 7.49 -3.11 26.34
CB CME B 120 6.17 -2.96 27.09
SG CME B 120 6.23 -1.50 28.06
SD CME B 120 6.84 -2.22 29.88
CE CME B 120 7.67 -0.83 30.64
CZ CME B 120 8.48 -0.08 29.55
OH CME B 120 8.93 1.20 30.19
C CME B 120 7.39 -4.40 25.55
O CME B 120 7.67 -5.63 26.21
N VAL B 121 7.01 -4.38 24.26
CA VAL B 121 6.87 -5.60 23.47
C VAL B 121 7.96 -5.58 22.43
N GLU B 122 8.68 -6.70 22.34
CA GLU B 122 9.82 -6.78 21.46
C GLU B 122 9.36 -6.63 20.01
N GLY B 123 9.96 -5.69 19.30
CA GLY B 123 9.60 -5.47 17.90
C GLY B 123 8.43 -4.53 17.72
N MET B 124 7.66 -4.29 18.78
CA MET B 124 6.46 -3.44 18.66
C MET B 124 6.68 -1.93 18.50
N VAL B 125 7.74 -1.36 19.07
CA VAL B 125 7.95 0.09 18.98
C VAL B 125 8.14 0.58 17.55
N GLU B 126 8.62 -0.31 16.69
CA GLU B 126 8.77 -0.01 15.28
C GLU B 126 7.39 0.24 14.70
N ILE B 127 6.43 -0.59 15.10
CA ILE B 127 5.04 -0.44 14.66
C ILE B 127 4.46 0.86 15.23
N PHE B 128 4.67 1.10 16.52
CA PHE B 128 4.19 2.34 17.16
C PHE B 128 4.66 3.56 16.38
N ASP B 129 5.95 3.60 16.06
CA ASP B 129 6.52 4.75 15.36
C ASP B 129 5.79 5.02 14.05
N MET B 130 5.43 3.97 13.31
CA MET B 130 4.70 4.17 12.06
C MET B 130 3.27 4.66 12.27
N LEU B 131 2.60 4.09 13.26
CA LEU B 131 1.23 4.50 13.60
C LEU B 131 1.24 5.96 14.02
N LEU B 132 2.24 6.35 14.81
CA LEU B 132 2.36 7.71 15.33
C LEU B 132 2.65 8.73 14.23
N ALA B 133 3.51 8.36 13.29
CA ALA B 133 3.81 9.24 12.15
C ALA B 133 2.57 9.46 11.29
N THR B 134 1.78 8.41 11.13
CA THR B 134 0.52 8.47 10.38
C THR B 134 -0.48 9.36 11.09
N SER B 135 -0.55 9.21 12.41
CA SER B 135 -1.40 10.07 13.24
C SER B 135 -1.01 11.54 13.05
N SER B 136 0.29 11.79 13.01
CA SER B 136 0.85 13.13 12.77
C SER B 136 0.47 13.69 11.38
N ARG B 137 0.38 12.80 10.39
CA ARG B 137 -0.05 13.20 9.05
C ARG B 137 -1.55 13.54 9.04
N PHE B 138 -2.35 12.83 9.83
CA PHE B 138 -3.79 13.10 9.92
C PHE B 138 -4.02 14.51 10.49
N ARG B 139 -3.19 14.88 11.47
CA ARG B 139 -3.26 16.19 12.14
C ARG B 139 -2.79 17.28 11.20
N MET B 140 -1.73 16.99 10.46
CA MET B 140 -1.14 17.91 9.48
C MET B 140 -2.19 18.25 8.41
N MET B 141 -2.95 17.25 7.99
CA MET B 141 -3.97 17.43 6.95
C MET B 141 -5.31 17.93 7.50
N ASN B 142 -5.46 17.88 8.82
CA ASN B 142 -6.73 18.25 9.45
C ASN B 142 -7.87 17.35 8.93
N LEU B 143 -7.61 16.05 8.90
CA LEU B 143 -8.58 15.03 8.44
C LEU B 143 -9.89 15.10 9.21
N GLN B 144 -10.99 15.15 8.47
CA GLN B 144 -12.32 15.23 9.04
C GLN B 144 -12.90 13.83 9.18
N GLY B 145 -13.84 13.66 10.11
CA GLY B 145 -14.49 12.38 10.33
C GLY B 145 -15.16 11.82 9.08
N GLU B 146 -15.73 12.70 8.28
CA GLU B 146 -16.47 12.32 7.07
C GLU B 146 -15.54 11.70 6.05
N GLU B 147 -14.30 12.20 6.02
CA GLU B 147 -13.29 11.67 5.12
C GLU B 147 -12.76 10.37 5.70
N PHE B 148 -12.62 10.32 7.02
CA PHE B 148 -12.16 9.11 7.71
C PHE B 148 -13.04 7.89 7.38
N VAL B 149 -14.36 8.04 7.51
CA VAL B 149 -15.27 6.94 7.18
C VAL B 149 -15.24 6.57 5.69
N CYS B 150 -14.99 7.56 4.82
CA CYS B 150 -14.81 7.25 3.39
C CYS B 150 -13.53 6.45 3.15
N LEU B 151 -12.43 6.87 3.77
CA LEU B 151 -11.15 6.16 3.64
C LEU B 151 -11.22 4.73 4.14
N LYS B 152 -11.85 4.52 5.29
CA LYS B 152 -11.96 3.20 5.88
C LYS B 152 -12.84 2.24 5.05
N SER B 153 -13.88 2.78 4.41
CA SER B 153 -14.75 1.97 3.56
C SER B 153 -14.02 1.64 2.27
N ILE B 154 -13.19 2.57 1.82
CA ILE B 154 -12.39 2.35 0.61
C ILE B 154 -11.40 1.22 0.83
N ILE B 155 -10.75 1.22 1.99
CA ILE B 155 -9.85 0.13 2.38
C ILE B 155 -10.55 -1.23 2.35
N LEU B 156 -11.74 -1.30 2.94
CA LEU B 156 -12.53 -2.54 2.92
C LEU B 156 -12.75 -3.10 1.51
N LEU B 157 -13.21 -2.24 0.61
CA LEU B 157 -13.56 -2.66 -0.76
C LEU B 157 -12.35 -2.80 -1.69
N ASN B 158 -11.30 -2.02 -1.41
CA ASN B 158 -10.12 -2.01 -2.30
C ASN B 158 -9.02 -3.02 -1.99
N SER B 159 -8.71 -3.21 -0.70
CA SER B 159 -7.49 -3.95 -0.37
C SER B 159 -7.38 -5.34 -0.97
N GLY B 160 -8.49 -6.07 -1.03
CA GLY B 160 -8.45 -7.42 -1.57
C GLY B 160 -9.02 -7.56 -2.98
N VAL B 161 -9.42 -6.44 -3.58
CA VAL B 161 -10.09 -6.47 -4.88
C VAL B 161 -9.24 -7.04 -6.03
N TYR B 162 -7.92 -6.92 -5.95
CA TYR B 162 -7.07 -7.40 -7.04
C TYR B 162 -6.41 -8.71 -6.69
N THR B 163 -6.97 -9.41 -5.72
CA THR B 163 -6.49 -10.72 -5.34
C THR B 163 -7.63 -11.73 -5.50
N PHE B 164 -8.67 -11.31 -6.22
CA PHE B 164 -9.73 -12.20 -6.67
C PHE B 164 -9.28 -12.88 -7.97
N LEU B 165 -8.79 -14.11 -7.88
CA LEU B 165 -8.31 -14.83 -9.07
C LEU B 165 -9.24 -16.00 -9.42
N SER B 166 -9.36 -16.30 -10.71
CA SER B 166 -10.20 -17.43 -11.14
C SER B 166 -9.55 -18.74 -10.68
N SER B 167 -10.39 -19.73 -10.36
CA SER B 167 -9.91 -21.01 -9.81
C SER B 167 -8.86 -21.69 -10.70
N THR B 168 -9.14 -21.77 -11.99
CA THR B 168 -8.17 -22.28 -12.95
C THR B 168 -7.65 -21.15 -13.85
N LEU B 169 -6.34 -21.13 -14.06
CA LEU B 169 -5.66 -20.07 -14.82
C LEU B 169 -5.25 -18.93 -13.88
N LYS B 170 -5.97 -18.80 -12.77
CA LYS B 170 -5.70 -17.76 -11.77
C LYS B 170 -5.52 -16.37 -12.37
N SER B 171 -6.42 -15.98 -13.26
CA SER B 171 -6.39 -14.65 -13.84
C SER B 171 -7.31 -13.71 -13.06
N LEU B 172 -6.97 -12.42 -13.03
CA LEU B 172 -7.75 -11.45 -12.28
C LEU B 172 -9.23 -11.46 -12.67
N GLU B 173 -10.10 -11.58 -11.68
CA GLU B 173 -11.54 -11.55 -11.89
C GLU B 173 -12.01 -10.10 -11.91
N GLU B 174 -12.86 -9.78 -12.87
CA GLU B 174 -13.41 -8.42 -12.97
C GLU B 174 -14.55 -8.23 -11.97
N LYS B 175 -14.32 -7.37 -10.98
CA LYS B 175 -15.34 -7.06 -9.98
C LYS B 175 -15.90 -5.65 -10.20
N ASP B 176 -16.71 -5.54 -11.25
CA ASP B 176 -17.35 -4.28 -11.64
C ASP B 176 -18.10 -3.58 -10.52
N HIS B 177 -18.92 -4.32 -9.80
CA HIS B 177 -19.74 -3.72 -8.76
C HIS B 177 -18.88 -3.05 -7.69
N ILE B 178 -17.82 -3.75 -7.27
CA ILE B 178 -16.91 -3.20 -6.26
C ILE B 178 -16.30 -1.88 -6.73
N HIS B 179 -15.88 -1.82 -7.98
CA HIS B 179 -15.30 -0.60 -8.52
C HIS B 179 -16.31 0.54 -8.64
N ARG B 180 -17.57 0.19 -8.95
CA ARG B 180 -18.64 1.17 -9.01
C ARG B 180 -18.88 1.81 -7.66
N VAL B 181 -18.87 1.01 -6.60
CA VAL B 181 -19.02 1.51 -5.24
C VAL B 181 -17.85 2.42 -4.85
N LEU B 182 -16.62 1.95 -5.07
CA LEU B 182 -15.41 2.75 -4.84
C LEU B 182 -15.51 4.10 -5.56
N ASP B 183 -15.92 4.06 -6.83
CA ASP B 183 -16.12 5.28 -7.61
C ASP B 183 -17.08 6.24 -6.93
N LYS B 184 -18.19 5.72 -6.40
CA LYS B 184 -19.14 6.56 -5.67
C LYS B 184 -18.56 7.13 -4.38
N ILE B 185 -17.69 6.36 -3.72
CA ILE B 185 -17.03 6.91 -2.55
C ILE B 185 -16.08 8.04 -2.95
N THR B 186 -15.45 7.91 -4.12
CA THR B 186 -14.68 9.00 -4.68
C THR B 186 -15.58 10.22 -4.89
N ASP B 187 -16.75 10.02 -5.50
CA ASP B 187 -17.71 11.10 -5.72
C ASP B 187 -18.06 11.76 -4.39
N THR B 188 -18.24 10.94 -3.35
CA THR B 188 -18.58 11.43 -2.02
C THR B 188 -17.48 12.27 -1.39
N LEU B 189 -16.24 11.83 -1.55
CA LEU B 189 -15.10 12.55 -0.98
C LEU B 189 -15.00 13.93 -1.63
N ILE B 190 -15.12 13.97 -2.95
CA ILE B 190 -15.00 15.25 -3.68
C ILE B 190 -16.12 16.19 -3.23
N HIS B 191 -17.35 15.68 -3.24
CA HIS B 191 -18.49 16.41 -2.74
C HIS B 191 -18.24 17.02 -1.35
N LEU B 192 -17.75 16.20 -0.43
CA LEU B 192 -17.43 16.67 0.93
C LEU B 192 -16.42 17.81 0.94
N MET B 193 -15.43 17.74 0.05
CA MET B 193 -14.41 18.78 -0.05
C MET B 193 -14.96 20.06 -0.70
N ALA B 194 -15.79 19.89 -1.72
CA ALA B 194 -16.39 21.05 -2.38
C ALA B 194 -17.30 21.78 -1.38
N LYS B 195 -18.01 21.02 -0.55
CA LYS B 195 -18.91 21.61 0.45
C LYS B 195 -18.16 22.32 1.56
N ALA B 196 -16.94 21.89 1.84
CA ALA B 196 -16.15 22.56 2.85
C ALA B 196 -15.44 23.79 2.27
N GLY B 197 -15.63 24.05 0.98
CA GLY B 197 -15.08 25.23 0.35
C GLY B 197 -13.69 25.09 -0.27
N LEU B 198 -13.17 23.87 -0.39
CA LEU B 198 -11.90 23.67 -1.09
C LEU B 198 -12.06 23.99 -2.58
N THR B 199 -11.09 24.71 -3.14
CA THR B 199 -11.14 24.99 -4.57
C THR B 199 -11.06 23.69 -5.38
N LEU B 200 -11.42 23.76 -6.67
CA LEU B 200 -11.44 22.58 -7.49
C LEU B 200 -10.06 21.93 -7.53
N GLN B 201 -9.04 22.78 -7.58
CA GLN B 201 -7.66 22.30 -7.63
C GLN B 201 -7.28 21.67 -6.29
N GLN B 202 -7.71 22.28 -5.19
CA GLN B 202 -7.45 21.73 -3.88
C GLN B 202 -8.15 20.39 -3.72
N GLN B 203 -9.28 20.21 -4.39
CA GLN B 203 -10.04 18.99 -4.27
C GLN B 203 -9.26 17.76 -4.78
N HIS B 204 -8.74 17.85 -6.00
CA HIS B 204 -7.94 16.73 -6.52
C HIS B 204 -6.63 16.53 -5.78
N GLN B 205 -6.02 17.61 -5.31
CA GLN B 205 -4.80 17.52 -4.51
C GLN B 205 -5.07 16.87 -3.16
N ARG B 206 -6.12 17.31 -2.48
CA ARG B 206 -6.46 16.69 -1.20
C ARG B 206 -6.89 15.23 -1.39
N LEU B 207 -7.57 14.95 -2.50
CA LEU B 207 -7.99 13.56 -2.80
C LEU B 207 -6.81 12.60 -2.92
N ALA B 208 -5.82 12.99 -3.70
CA ALA B 208 -4.60 12.20 -3.82
C ALA B 208 -3.85 12.05 -2.49
N GLN B 209 -3.82 13.10 -1.68
CA GLN B 209 -3.14 13.07 -0.39
C GLN B 209 -3.75 12.05 0.56
N LEU B 210 -5.09 12.00 0.55
CA LEU B 210 -5.84 11.11 1.40
C LEU B 210 -5.64 9.68 0.96
N LEU B 211 -5.63 9.48 -0.36
CA LEU B 211 -5.50 8.13 -0.90
C LEU B 211 -4.10 7.57 -0.76
N LEU B 212 -3.09 8.43 -0.85
CA LEU B 212 -1.70 7.99 -0.63
C LEU B 212 -1.48 7.56 0.81
N ILE B 213 -2.34 7.98 1.71
CA ILE B 213 -2.28 7.52 3.09
C ILE B 213 -2.48 6.02 3.17
N LEU B 214 -3.37 5.49 2.33
CA LEU B 214 -3.66 4.06 2.30
C LEU B 214 -2.45 3.20 1.94
N SER B 215 -1.50 3.76 1.19
CA SER B 215 -0.28 3.02 0.86
C SER B 215 0.54 2.75 2.11
N HIS B 216 0.58 3.75 2.98
CA HIS B 216 1.30 3.64 4.24
C HIS B 216 0.55 2.75 5.22
N ILE B 217 -0.77 2.77 5.15
CA ILE B 217 -1.59 1.92 6.00
C ILE B 217 -1.43 0.43 5.62
N ARG B 218 -1.33 0.17 4.32
CA ARG B 218 -1.02 -1.17 3.85
C ARG B 218 0.33 -1.62 4.40
N HIS B 219 1.34 -0.78 4.19
CA HIS B 219 2.68 -1.07 4.70
C HIS B 219 2.67 -1.43 6.19
N MET B 220 2.03 -0.60 7.00
CA MET B 220 1.95 -0.83 8.44
C MET B 220 1.21 -2.13 8.74
N SER B 221 0.11 -2.36 8.03
CA SER B 221 -0.62 -3.62 8.13
C SER B 221 0.25 -4.86 7.89
N ASN B 222 1.04 -4.87 6.81
CA ASN B 222 1.94 -5.96 6.51
C ASN B 222 3.05 -6.12 7.55
N LYS B 223 3.59 -5.00 8.04
CA LYS B 223 4.66 -5.07 9.05
C LYS B 223 4.06 -5.46 10.39
N GLY B 224 2.85 -4.98 10.65
CA GLY B 224 2.11 -5.35 11.85
C GLY B 224 1.72 -6.81 11.83
N MET B 225 1.33 -7.31 10.67
CA MET B 225 0.93 -8.70 10.53
C MET B 225 2.12 -9.60 10.84
N GLU B 226 3.30 -9.22 10.35
CA GLU B 226 4.48 -10.02 10.57
C GLU B 226 4.89 -10.03 12.04
N HIS B 227 4.69 -8.88 12.68
CA HIS B 227 5.00 -8.77 14.08
C HIS B 227 4.09 -9.61 14.96
N LEU B 228 2.78 -9.52 14.71
CA LEU B 228 1.82 -10.32 15.45
C LEU B 228 2.11 -11.81 15.23
N TYR B 229 2.43 -12.15 13.98
CA TYR B 229 2.74 -13.52 13.61
C TYR B 229 3.94 -14.03 14.39
N SER B 230 4.93 -13.16 14.54
CA SER B 230 6.14 -13.49 15.28
C SER B 230 5.85 -13.83 16.75
N MET B 231 4.90 -13.11 17.36
CA MET B 231 4.56 -13.31 18.76
C MET B 231 3.78 -14.61 18.96
N LYS B 232 2.83 -14.86 18.05
CA LYS B 232 2.03 -16.06 18.19
C LYS B 232 2.99 -17.30 18.17
N CME B 233 4.02 -17.23 17.28
CA CME B 233 5.03 -18.27 17.10
CB CME B 233 5.82 -18.05 15.79
SG CME B 233 4.79 -18.23 14.34
SD CME B 233 4.44 -20.23 14.11
CE CME B 233 5.50 -20.69 12.76
CZ CME B 233 4.50 -20.80 11.48
OH CME B 233 3.68 -22.03 11.91
C CME B 233 6.08 -18.40 18.19
O CME B 233 6.80 -19.41 18.27
N LYS B 234 6.22 -17.29 19.00
CA LYS B 234 7.10 -17.36 20.19
C LYS B 234 6.27 -17.71 21.42
N ASN B 235 4.99 -17.99 21.20
CA ASN B 235 4.05 -18.31 22.29
C ASN B 235 4.07 -17.23 23.37
N VAL B 236 4.10 -15.96 22.95
CA VAL B 236 4.07 -14.86 23.88
C VAL B 236 2.69 -14.69 24.47
N VAL B 237 1.68 -14.88 23.63
CA VAL B 237 0.28 -14.64 23.98
C VAL B 237 -0.64 -15.62 23.24
N PRO B 238 -1.69 -16.13 23.91
CA PRO B 238 -2.58 -17.00 23.17
C PRO B 238 -3.57 -16.17 22.35
N LEU B 239 -3.75 -16.53 21.10
CA LEU B 239 -4.66 -15.81 20.24
C LEU B 239 -6.01 -16.50 20.13
N SER B 240 -7.07 -15.69 20.10
CA SER B 240 -8.42 -16.21 19.86
C SER B 240 -8.44 -16.92 18.52
N ASP B 241 -9.35 -17.88 18.36
CA ASP B 241 -9.51 -18.63 17.11
C ASP B 241 -9.80 -17.69 15.92
N LEU B 242 -10.63 -16.68 16.17
CA LEU B 242 -10.95 -15.70 15.13
C LEU B 242 -9.67 -14.99 14.67
N LEU B 243 -8.81 -14.67 15.64
CA LEU B 243 -7.57 -13.96 15.38
C LEU B 243 -6.57 -14.86 14.66
N LEU B 244 -6.46 -16.11 15.11
CA LEU B 244 -5.61 -17.09 14.43
C LEU B 244 -6.01 -17.24 12.98
N GLU B 245 -7.31 -17.37 12.74
CA GLU B 245 -7.82 -17.48 11.38
C GLU B 245 -7.60 -16.24 10.50
N MET B 246 -7.79 -15.04 11.08
CA MET B 246 -7.56 -13.80 10.36
C MET B 246 -6.10 -13.66 9.97
N LEU B 247 -5.23 -14.19 10.83
CA LEU B 247 -3.78 -14.18 10.62
C LEU B 247 -3.36 -15.20 9.55
N ASP B 248 -3.96 -16.38 9.58
CA ASP B 248 -3.59 -17.42 8.62
C ASP B 248 -4.07 -17.14 7.20
N ALA B 249 -5.07 -16.27 7.05
CA ALA B 249 -5.49 -15.82 5.73
C ALA B 249 -4.35 -15.11 4.99
N HIS B 250 -3.29 -14.76 5.72
CA HIS B 250 -2.16 -14.07 5.13
C HIS B 250 -0.96 -15.00 5.02
N ARG B 251 0.07 -14.57 4.29
CA ARG B 251 1.26 -15.39 4.01
C ARG B 251 2.55 -14.87 4.66
N LEU B 252 3.20 -15.72 5.45
CA LEU B 252 4.43 -15.37 6.14
C LEU B 252 4.98 -16.55 6.93
N HIS C 2 29.66 3.73 4.28
CA HIS C 2 30.08 3.37 2.89
C HIS C 2 29.02 2.48 2.22
N LYS C 3 27.77 2.91 2.31
CA LYS C 3 26.66 2.21 1.66
C LYS C 3 26.73 2.45 0.16
N ILE C 4 26.59 1.38 -0.62
CA ILE C 4 26.72 1.51 -2.08
C ILE C 4 25.75 2.54 -2.65
N LEU C 5 24.49 2.50 -2.21
CA LEU C 5 23.48 3.46 -2.66
C LEU C 5 23.99 4.87 -2.41
N HIS C 6 24.56 5.07 -1.23
CA HIS C 6 25.17 6.34 -0.85
C HIS C 6 26.14 6.82 -1.92
N ARG C 7 27.05 5.95 -2.34
CA ARG C 7 28.07 6.30 -3.33
C ARG C 7 27.47 6.57 -4.72
N LEU C 8 26.50 5.75 -5.10
CA LEU C 8 25.85 5.86 -6.40
C LEU C 8 25.07 7.18 -6.54
N LEU C 9 24.51 7.67 -5.44
CA LEU C 9 23.77 8.93 -5.44
C LEU C 9 24.70 10.13 -5.53
N GLN C 10 25.83 10.05 -4.84
CA GLN C 10 26.82 11.12 -4.87
C GLN C 10 27.43 11.26 -6.26
N ASP C 11 27.62 10.12 -6.91
CA ASP C 11 28.23 10.07 -8.24
C ASP C 11 27.20 9.77 -9.33
N LYS D 3 -14.99 -21.93 9.38
CA LYS D 3 -14.39 -20.57 9.48
C LYS D 3 -15.28 -19.59 10.25
N ILE D 4 -14.71 -19.03 11.32
CA ILE D 4 -15.44 -18.12 12.21
C ILE D 4 -15.96 -16.89 11.47
N LEU D 5 -15.09 -16.26 10.67
CA LEU D 5 -15.48 -15.06 9.93
C LEU D 5 -16.71 -15.37 9.10
N HIS D 6 -16.64 -16.47 8.37
CA HIS D 6 -17.75 -16.94 7.55
C HIS D 6 -19.07 -16.97 8.33
N ARG D 7 -19.06 -17.59 9.51
CA ARG D 7 -20.28 -17.72 10.32
C ARG D 7 -20.76 -16.38 10.90
N LEU D 8 -19.81 -15.57 11.39
CA LEU D 8 -20.11 -14.25 11.91
C LEU D 8 -20.77 -13.37 10.85
N LEU D 9 -20.30 -13.51 9.60
CA LEU D 9 -20.86 -12.73 8.50
C LEU D 9 -22.33 -13.08 8.18
N GLN D 10 -22.71 -14.34 8.29
CA GLN D 10 -24.08 -14.70 7.98
C GLN D 10 -25.02 -14.69 9.20
N ASP D 11 -24.44 -14.61 10.39
CA ASP D 11 -25.21 -14.61 11.63
C ASP D 11 -25.71 -13.22 12.01
CAN 689 E . 10.41 -10.49 -5.63
CAK 689 E . 11.73 -10.59 -6.38
CAJ 689 E . 11.97 -9.44 -7.37
CAO 689 E . 13.44 -9.39 -7.48
CAR 689 E . 14.18 -8.07 -7.41
CAQ 689 E . 14.03 -10.60 -7.75
CAP 689 E . 13.23 -11.92 -7.83
CAS 689 E . 13.98 -12.96 -7.06
CAL 689 E . 11.83 -11.85 -7.21
CAT 689 E . 11.58 -13.10 -6.39
OAU 689 E . 10.19 -13.36 -6.24
CAM 689 E . 10.78 -11.83 -8.32
OAH 689 E . 10.41 -10.55 -8.80
CAI 689 E . 11.58 -9.83 -8.83
CAD 689 E . 11.74 -8.70 -9.86
CAC 689 E . 12.79 -8.72 -10.76
CAB 689 E . 12.93 -7.70 -11.68
CAA 689 E . 12.04 -6.65 -11.69
OAG 689 E . 12.17 -5.65 -12.58
CAF 689 E . 10.99 -6.63 -10.80
CAE 689 E . 10.85 -7.65 -9.88
CAN 689 F . -0.17 -2.83 17.82
CAK 689 F . -0.57 -3.92 16.87
CAJ 689 F . -2.07 -3.97 16.73
CAO 689 F . -2.58 -5.42 16.40
CAR 689 F . -4.05 -5.79 16.37
CAQ 689 F . -1.71 -6.46 16.14
CAP 689 F . -0.24 -6.17 16.18
CAS 689 F . 0.06 -5.41 14.90
CAL 689 F . -0.14 -5.27 17.38
CAT 689 F . 1.24 -5.32 18.02
OAU 689 F . 2.26 -4.79 17.19
CAM 689 F . -1.23 -5.75 18.37
OAH 689 F . -2.45 -4.97 18.64
CAI 689 F . -2.55 -3.62 18.09
CAD 689 F . -3.94 -3.05 17.84
CAC 689 F . -4.11 -2.16 16.79
CAB 689 F . -5.34 -1.61 16.50
CAA 689 F . -6.41 -1.98 17.29
OAG 689 F . -7.62 -1.49 17.04
CAF 689 F . -6.26 -2.88 18.33
CAE 689 F . -5.02 -3.42 18.61
#